data_3FVI
#
_entry.id   3FVI
#
_cell.length_a   65.988
_cell.length_b   82.061
_cell.length_c   123.824
_cell.angle_alpha   90.00
_cell.angle_beta   90.00
_cell.angle_gamma   90.00
#
_symmetry.space_group_name_H-M   'P 21 21 21'
#
loop_
_entity.id
_entity.type
_entity.pdbx_description
1 polymer 'Phospholipase A2, major isoenzyme'
2 non-polymer 'CALCIUM ION'
3 non-polymer 'CHLORIDE ION'
4 non-polymer 'octyl sulfate'
5 non-polymer 'SODIUM ION'
6 water water
#
_entity_poly.entity_id   1
_entity_poly.type   'polypeptide(L)'
_entity_poly.pdbx_seq_one_letter_code
;ALWQFRSMIKCAIPGSHPLMDFNNYGCYCGLGGSGTPVDELDRCCETHDNCYRDAKNLDSCKFLVDNPYTESYSYSCSNT
EITCNSKNNACEAFICNCDRNAAICFSKAPYNKEHKNLDTKKYC
;
_entity_poly.pdbx_strand_id   A,B,C,D
#
loop_
_chem_comp.id
_chem_comp.type
_chem_comp.name
_chem_comp.formula
CA non-polymer 'CALCIUM ION' 'Ca 2'
CL non-polymer 'CHLORIDE ION' 'Cl -1'
NA non-polymer 'SODIUM ION' 'Na 1'
OSF non-polymer 'octyl sulfate' 'C8 H17 O4 S -1'
#
# COMPACT_ATOMS: atom_id res chain seq x y z
N ALA A 1 -4.04 -12.61 -13.05
CA ALA A 1 -3.49 -11.91 -11.86
C ALA A 1 -4.46 -10.84 -11.42
N LEU A 2 -4.54 -10.63 -10.12
CA LEU A 2 -5.46 -9.63 -9.58
C LEU A 2 -5.33 -8.27 -10.25
N TRP A 3 -4.11 -7.72 -10.32
CA TRP A 3 -3.91 -6.41 -10.94
C TRP A 3 -4.59 -6.40 -12.31
N GLN A 4 -4.47 -7.50 -13.04
CA GLN A 4 -5.08 -7.62 -14.35
C GLN A 4 -6.59 -7.65 -14.23
N PHE A 5 -7.08 -8.22 -13.14
CA PHE A 5 -8.51 -8.30 -12.90
C PHE A 5 -9.03 -6.88 -12.67
N ARG A 6 -8.35 -6.11 -11.84
CA ARG A 6 -8.79 -4.75 -11.57
C ARG A 6 -8.76 -3.97 -12.87
N SER A 7 -7.69 -4.18 -13.62
CA SER A 7 -7.51 -3.53 -14.90
C SER A 7 -8.65 -3.90 -15.84
N MET A 8 -8.96 -5.19 -15.88
CA MET A 8 -10.02 -5.70 -16.71
C MET A 8 -11.34 -5.03 -16.36
N ILE A 9 -11.63 -4.90 -15.07
CA ILE A 9 -12.88 -4.28 -14.66
C ILE A 9 -12.91 -2.82 -15.08
N LYS A 10 -11.79 -2.09 -14.88
CA LYS A 10 -11.74 -0.69 -15.28
C LYS A 10 -12.01 -0.55 -16.78
N CYS A 11 -11.80 -1.63 -17.52
CA CYS A 11 -12.03 -1.63 -18.97
C CYS A 11 -13.51 -1.77 -19.31
N ALA A 12 -14.20 -2.69 -18.62
CA ALA A 12 -15.61 -2.93 -18.84
C ALA A 12 -16.53 -1.93 -18.14
N ILE A 13 -16.03 -1.32 -17.06
CA ILE A 13 -16.80 -0.33 -16.30
C ILE A 13 -15.90 0.88 -16.08
N PRO A 14 -15.66 1.67 -17.13
CA PRO A 14 -14.84 2.87 -17.17
C PRO A 14 -14.51 3.65 -15.89
N GLY A 15 -15.43 4.44 -15.38
CA GLY A 15 -15.12 5.20 -14.18
C GLY A 15 -15.07 4.42 -12.90
N SER A 16 -14.83 3.12 -13.01
CA SER A 16 -14.79 2.25 -11.85
C SER A 16 -13.60 2.38 -10.92
N HIS A 17 -13.80 1.92 -9.69
CA HIS A 17 -12.79 1.92 -8.65
C HIS A 17 -12.89 0.52 -8.08
N PRO A 18 -12.46 -0.48 -8.87
CA PRO A 18 -12.47 -1.91 -8.55
C PRO A 18 -12.36 -2.28 -7.07
N LEU A 19 -11.18 -2.12 -6.50
CA LEU A 19 -11.01 -2.49 -5.11
C LEU A 19 -11.99 -1.76 -4.19
N MET A 20 -12.02 -0.43 -4.26
CA MET A 20 -12.94 0.35 -3.42
C MET A 20 -14.37 -0.10 -3.66
N ASP A 21 -14.67 -0.37 -4.92
CA ASP A 21 -15.99 -0.77 -5.35
C ASP A 21 -16.41 -2.21 -5.07
N PHE A 22 -15.57 -3.17 -5.39
CA PHE A 22 -15.95 -4.58 -5.24
C PHE A 22 -15.35 -5.41 -4.11
N ASN A 23 -14.78 -4.77 -3.11
CA ASN A 23 -14.25 -5.54 -2.00
C ASN A 23 -15.19 -5.31 -0.83
N ASN A 24 -15.38 -6.33 -0.01
CA ASN A 24 -16.26 -6.19 1.13
C ASN A 24 -17.67 -5.82 0.71
N TYR A 25 -18.05 -6.25 -0.48
CA TYR A 25 -19.40 -6.01 -0.95
C TYR A 25 -20.15 -7.34 -0.82
N GLY A 26 -21.43 -7.27 -0.46
CA GLY A 26 -22.22 -8.48 -0.31
C GLY A 26 -21.55 -9.53 0.55
N CYS A 27 -21.99 -10.78 0.39
CA CYS A 27 -21.43 -11.88 1.16
C CYS A 27 -20.32 -12.66 0.44
N TYR A 28 -20.02 -12.33 -0.81
CA TYR A 28 -18.99 -13.06 -1.55
C TYR A 28 -17.91 -12.24 -2.21
N CYS A 29 -18.20 -10.98 -2.50
CA CYS A 29 -17.23 -10.11 -3.14
C CYS A 29 -16.18 -9.74 -2.12
N GLY A 30 -15.11 -10.51 -2.10
CA GLY A 30 -14.03 -10.27 -1.17
C GLY A 30 -13.39 -11.60 -0.82
N LEU A 31 -12.52 -11.60 0.18
CA LEU A 31 -11.85 -12.82 0.59
C LEU A 31 -12.88 -13.84 1.09
N GLY A 32 -12.99 -14.95 0.37
CA GLY A 32 -13.93 -15.99 0.78
C GLY A 32 -15.39 -15.60 0.63
N GLY A 33 -16.23 -16.13 1.51
CA GLY A 33 -17.64 -15.82 1.46
C GLY A 33 -18.55 -17.02 1.64
N SER A 34 -19.69 -16.82 2.29
CA SER A 34 -20.66 -17.88 2.52
C SER A 34 -22.05 -17.28 2.58
N GLY A 35 -23.04 -18.09 2.96
CA GLY A 35 -24.40 -17.61 3.05
C GLY A 35 -25.03 -17.39 1.69
N THR A 36 -26.25 -16.85 1.67
CA THR A 36 -26.94 -16.60 0.42
C THR A 36 -26.48 -15.29 -0.20
N PRO A 37 -26.20 -15.28 -1.51
CA PRO A 37 -25.77 -14.00 -2.09
C PRO A 37 -26.90 -13.00 -1.91
N VAL A 38 -26.56 -11.74 -1.67
CA VAL A 38 -27.55 -10.69 -1.44
C VAL A 38 -28.17 -10.04 -2.68
N ASP A 39 -27.53 -10.20 -3.83
CA ASP A 39 -28.06 -9.62 -5.07
C ASP A 39 -27.26 -10.06 -6.29
N GLU A 40 -27.78 -9.76 -7.48
CA GLU A 40 -27.11 -10.17 -8.70
C GLU A 40 -25.59 -10.01 -8.66
N LEU A 41 -25.11 -8.90 -8.11
CA LEU A 41 -23.68 -8.63 -8.03
C LEU A 41 -22.97 -9.59 -7.10
N ASP A 42 -23.52 -9.76 -5.90
CA ASP A 42 -22.93 -10.67 -4.93
C ASP A 42 -22.92 -12.04 -5.59
N ARG A 43 -23.86 -12.29 -6.50
CA ARG A 43 -23.87 -13.58 -7.15
C ARG A 43 -22.72 -13.69 -8.11
N CYS A 44 -22.40 -12.60 -8.82
CA CYS A 44 -21.28 -12.59 -9.76
C CYS A 44 -20.01 -13.10 -9.06
N CYS A 45 -19.79 -12.62 -7.83
CA CYS A 45 -18.61 -13.00 -7.07
C CYS A 45 -18.67 -14.46 -6.59
N GLU A 46 -19.88 -14.93 -6.31
CA GLU A 46 -20.07 -16.31 -5.87
C GLU A 46 -19.60 -17.19 -7.01
N THR A 47 -20.05 -16.83 -8.22
CA THR A 47 -19.70 -17.57 -9.41
C THR A 47 -18.19 -17.50 -9.63
N HIS A 48 -17.62 -16.33 -9.39
CA HIS A 48 -16.19 -16.11 -9.57
C HIS A 48 -15.39 -16.95 -8.58
N ASP A 49 -15.87 -17.05 -7.35
CA ASP A 49 -15.19 -17.84 -6.34
C ASP A 49 -15.26 -19.34 -6.63
N ASN A 50 -16.30 -19.75 -7.37
CA ASN A 50 -16.47 -21.16 -7.74
C ASN A 50 -15.55 -21.47 -8.92
N CYS A 51 -15.46 -20.52 -9.84
CA CYS A 51 -14.65 -20.61 -11.04
C CYS A 51 -13.19 -20.76 -10.64
N TYR A 52 -12.79 -20.05 -9.58
CA TYR A 52 -11.42 -20.10 -9.08
C TYR A 52 -11.23 -21.39 -8.30
N ARG A 53 -12.34 -21.97 -7.85
CA ARG A 53 -12.29 -23.21 -7.10
C ARG A 53 -12.02 -24.31 -8.10
N ASP A 54 -12.68 -24.25 -9.26
CA ASP A 54 -12.47 -25.27 -10.29
C ASP A 54 -11.07 -25.12 -10.85
N ALA A 55 -10.64 -23.86 -11.00
CA ALA A 55 -9.32 -23.58 -11.53
C ALA A 55 -8.25 -24.41 -10.83
N LYS A 56 -8.18 -24.32 -9.50
CA LYS A 56 -7.18 -25.08 -8.75
C LYS A 56 -7.30 -26.59 -8.92
N ASN A 57 -8.53 -27.06 -9.16
CA ASN A 57 -8.78 -28.48 -9.36
C ASN A 57 -8.56 -28.86 -10.81
N LEU A 58 -8.15 -27.90 -11.63
CA LEU A 58 -7.89 -28.14 -13.06
C LEU A 58 -6.54 -28.82 -13.36
N ASP A 59 -6.57 -29.91 -14.12
CA ASP A 59 -5.32 -30.59 -14.44
C ASP A 59 -4.37 -29.61 -15.10
N SER A 60 -4.89 -28.74 -15.95
CA SER A 60 -4.05 -27.78 -16.64
C SER A 60 -3.34 -26.79 -15.72
N CYS A 61 -3.84 -26.63 -14.50
CA CYS A 61 -3.22 -25.72 -13.53
C CYS A 61 -2.44 -26.52 -12.50
N LYS A 62 -2.05 -27.74 -12.84
CA LYS A 62 -1.36 -28.57 -11.88
C LYS A 62 -0.04 -27.99 -11.40
N PHE A 63 0.56 -27.15 -12.22
CA PHE A 63 1.82 -26.53 -11.84
C PHE A 63 1.66 -25.19 -11.18
N LEU A 64 0.44 -24.68 -11.17
CA LEU A 64 0.14 -23.40 -10.51
C LEU A 64 0.08 -23.73 -9.03
N VAL A 65 1.01 -23.22 -8.25
CA VAL A 65 1.02 -23.56 -6.83
C VAL A 65 0.26 -22.66 -5.86
N ASP A 66 -0.08 -21.45 -6.29
CA ASP A 66 -0.79 -20.52 -5.42
C ASP A 66 -2.19 -20.16 -5.93
N ASN A 67 -2.81 -19.20 -5.25
CA ASN A 67 -4.15 -18.74 -5.59
C ASN A 67 -4.19 -18.18 -7.00
N PRO A 68 -5.30 -18.42 -7.73
CA PRO A 68 -5.42 -17.91 -9.09
C PRO A 68 -5.12 -16.42 -9.26
N TYR A 69 -5.22 -15.65 -8.18
CA TYR A 69 -4.95 -14.22 -8.25
C TYR A 69 -3.47 -13.97 -8.48
N THR A 70 -2.66 -15.02 -8.37
CA THR A 70 -1.22 -14.90 -8.58
C THR A 70 -0.85 -15.42 -9.97
N GLU A 71 -1.82 -16.00 -10.67
CA GLU A 71 -1.57 -16.51 -12.01
C GLU A 71 -1.72 -15.39 -13.03
N SER A 72 -0.63 -15.04 -13.70
CA SER A 72 -0.69 -13.98 -14.68
C SER A 72 -1.11 -14.55 -16.04
N TYR A 73 -1.83 -13.75 -16.83
CA TYR A 73 -2.28 -14.18 -18.15
C TYR A 73 -2.27 -13.05 -19.18
N SER A 74 -2.83 -13.32 -20.35
CA SER A 74 -2.83 -12.33 -21.42
C SER A 74 -4.21 -11.92 -21.93
N TYR A 75 -4.57 -10.67 -21.72
CA TYR A 75 -5.86 -10.16 -22.18
C TYR A 75 -5.66 -8.77 -22.80
N SER A 76 -6.58 -8.37 -23.65
CA SER A 76 -6.52 -7.04 -24.27
C SER A 76 -7.87 -6.37 -24.07
N CYS A 77 -7.91 -5.04 -24.18
CA CYS A 77 -9.16 -4.31 -24.01
C CYS A 77 -9.37 -3.35 -25.16
N SER A 78 -10.61 -3.26 -25.63
CA SER A 78 -10.97 -2.37 -26.73
C SER A 78 -12.44 -1.99 -26.67
N ASN A 79 -12.71 -0.72 -26.41
CA ASN A 79 -14.10 -0.27 -26.32
C ASN A 79 -14.80 -1.04 -25.22
N THR A 80 -14.19 -1.09 -24.04
CA THR A 80 -14.78 -1.81 -22.93
C THR A 80 -15.17 -3.24 -23.33
N GLU A 81 -14.35 -3.86 -24.17
CA GLU A 81 -14.56 -5.23 -24.63
C GLU A 81 -13.35 -6.03 -24.20
N ILE A 82 -13.56 -7.02 -23.34
CA ILE A 82 -12.45 -7.81 -22.83
C ILE A 82 -12.18 -9.06 -23.62
N THR A 83 -10.95 -9.19 -24.11
CA THR A 83 -10.55 -10.36 -24.87
C THR A 83 -9.43 -11.14 -24.18
N CYS A 84 -9.56 -12.46 -24.15
CA CYS A 84 -8.54 -13.32 -23.55
C CYS A 84 -7.72 -13.88 -24.70
N ASN A 85 -6.53 -13.30 -24.89
CA ASN A 85 -5.62 -13.66 -25.96
C ASN A 85 -5.35 -15.16 -26.15
N SER A 86 -5.42 -15.58 -27.41
CA SER A 86 -5.20 -16.98 -27.77
C SER A 86 -3.81 -17.48 -27.41
N LYS A 87 -2.88 -16.57 -27.12
CA LYS A 87 -1.53 -16.97 -26.77
C LYS A 87 -1.51 -17.54 -25.36
N ASN A 88 -2.64 -17.40 -24.67
CA ASN A 88 -2.75 -17.92 -23.30
C ASN A 88 -2.70 -19.42 -23.36
N ASN A 89 -2.06 -20.05 -22.38
CA ASN A 89 -2.04 -21.49 -22.36
C ASN A 89 -3.25 -21.94 -21.56
N ALA A 90 -3.42 -23.25 -21.41
CA ALA A 90 -4.60 -23.77 -20.71
C ALA A 90 -4.96 -23.04 -19.44
N CYS A 91 -4.23 -23.32 -18.37
CA CYS A 91 -4.52 -22.69 -17.11
C CYS A 91 -4.78 -21.19 -17.22
N GLU A 92 -3.93 -20.45 -17.92
CA GLU A 92 -4.12 -19.00 -18.06
C GLU A 92 -5.45 -18.66 -18.72
N ALA A 93 -5.69 -19.27 -19.87
CA ALA A 93 -6.93 -19.01 -20.59
C ALA A 93 -8.08 -19.16 -19.62
N PHE A 94 -8.09 -20.29 -18.91
CA PHE A 94 -9.17 -20.55 -17.98
C PHE A 94 -9.30 -19.38 -17.00
N ILE A 95 -8.27 -19.15 -16.20
CA ILE A 95 -8.31 -18.08 -15.22
C ILE A 95 -8.66 -16.74 -15.86
N CYS A 96 -8.25 -16.54 -17.10
CA CYS A 96 -8.57 -15.30 -17.78
C CYS A 96 -10.08 -15.18 -17.95
N ASN A 97 -10.74 -16.29 -18.26
CA ASN A 97 -12.18 -16.23 -18.45
C ASN A 97 -12.97 -16.09 -17.15
N CYS A 98 -12.50 -16.71 -16.08
CA CYS A 98 -13.17 -16.55 -14.79
C CYS A 98 -13.26 -15.04 -14.51
N ASP A 99 -12.18 -14.34 -14.83
CA ASP A 99 -12.11 -12.89 -14.64
C ASP A 99 -13.00 -12.16 -15.63
N ARG A 100 -12.81 -12.43 -16.91
CA ARG A 100 -13.58 -11.77 -17.95
C ARG A 100 -15.07 -11.86 -17.64
N ASN A 101 -15.56 -13.08 -17.47
CA ASN A 101 -16.96 -13.26 -17.18
C ASN A 101 -17.39 -12.47 -15.97
N ALA A 102 -16.52 -12.36 -14.98
CA ALA A 102 -16.85 -11.62 -13.77
C ALA A 102 -16.98 -10.13 -14.09
N ALA A 103 -16.05 -9.59 -14.87
CA ALA A 103 -16.11 -8.17 -15.23
C ALA A 103 -17.43 -7.91 -15.91
N ILE A 104 -17.70 -8.67 -16.98
CA ILE A 104 -18.93 -8.55 -17.72
C ILE A 104 -20.13 -8.59 -16.78
N CYS A 105 -20.14 -9.59 -15.90
CA CYS A 105 -21.19 -9.75 -14.92
C CYS A 105 -21.30 -8.47 -14.12
N PHE A 106 -20.20 -8.09 -13.48
CA PHE A 106 -20.18 -6.87 -12.67
C PHE A 106 -20.77 -5.66 -13.39
N SER A 107 -20.47 -5.52 -14.68
CA SER A 107 -20.96 -4.38 -15.45
C SER A 107 -22.46 -4.43 -15.72
N LYS A 108 -23.09 -5.57 -15.48
CA LYS A 108 -24.51 -5.69 -15.75
C LYS A 108 -25.37 -5.87 -14.51
N ALA A 109 -24.74 -5.90 -13.34
CA ALA A 109 -25.46 -6.08 -12.10
C ALA A 109 -25.62 -4.74 -11.40
N PRO A 110 -26.80 -4.51 -10.78
CA PRO A 110 -27.07 -3.25 -10.08
C PRO A 110 -26.07 -3.12 -8.95
N TYR A 111 -25.83 -1.90 -8.50
CA TYR A 111 -24.91 -1.67 -7.41
C TYR A 111 -25.71 -0.99 -6.33
N ASN A 112 -25.81 -1.64 -5.18
CA ASN A 112 -26.57 -1.07 -4.08
C ASN A 112 -25.63 -0.75 -2.94
N LYS A 113 -25.42 0.54 -2.70
CA LYS A 113 -24.54 1.02 -1.64
C LYS A 113 -24.82 0.36 -0.28
N GLU A 114 -26.06 -0.05 -0.07
CA GLU A 114 -26.51 -0.67 1.18
C GLU A 114 -25.94 -2.07 1.41
N HIS A 115 -25.52 -2.72 0.33
CA HIS A 115 -24.95 -4.05 0.41
C HIS A 115 -23.43 -4.03 0.49
N LYS A 116 -22.86 -2.82 0.50
CA LYS A 116 -21.42 -2.64 0.60
C LYS A 116 -21.07 -2.78 2.08
N ASN A 117 -19.84 -3.15 2.37
CA ASN A 117 -19.41 -3.31 3.75
C ASN A 117 -20.52 -3.86 4.62
N LEU A 118 -21.18 -4.90 4.10
CA LEU A 118 -22.27 -5.55 4.80
C LEU A 118 -21.69 -6.24 6.04
N ASP A 119 -22.49 -6.38 7.08
CA ASP A 119 -22.06 -7.07 8.30
C ASP A 119 -22.23 -8.54 7.98
N THR A 120 -21.11 -9.20 7.66
CA THR A 120 -21.16 -10.61 7.30
C THR A 120 -21.62 -11.56 8.41
N LYS A 121 -21.11 -11.37 9.63
CA LYS A 121 -21.48 -12.21 10.75
C LYS A 121 -22.98 -12.18 10.99
N LYS A 122 -23.61 -11.05 10.70
CA LYS A 122 -25.04 -10.89 10.94
C LYS A 122 -25.96 -11.25 9.78
N TYR A 123 -25.48 -11.14 8.55
CA TYR A 123 -26.33 -11.44 7.41
C TYR A 123 -25.84 -12.48 6.42
N CYS A 124 -24.70 -13.10 6.67
CA CYS A 124 -24.16 -14.11 5.76
C CYS A 124 -24.10 -15.48 6.39
N ALA B 1 -0.62 14.50 -11.08
CA ALA B 1 -0.14 14.53 -9.71
C ALA B 1 0.34 13.15 -9.29
N LEU B 2 0.72 13.04 -8.01
CA LEU B 2 1.25 11.80 -7.46
C LEU B 2 0.43 10.51 -7.64
N TRP B 3 -0.84 10.51 -7.22
CA TRP B 3 -1.65 9.29 -7.36
C TRP B 3 -1.80 8.92 -8.83
N GLN B 4 -1.69 9.93 -9.70
CA GLN B 4 -1.80 9.71 -11.14
C GLN B 4 -0.51 9.16 -11.68
N PHE B 5 0.60 9.61 -11.11
CA PHE B 5 1.91 9.14 -11.53
C PHE B 5 2.05 7.70 -11.05
N ARG B 6 1.45 7.41 -9.89
CA ARG B 6 1.51 6.05 -9.37
C ARG B 6 0.78 5.15 -10.37
N SER B 7 -0.41 5.59 -10.77
CA SER B 7 -1.22 4.85 -11.70
C SER B 7 -0.53 4.60 -13.04
N MET B 8 0.21 5.60 -13.52
CA MET B 8 0.93 5.47 -14.79
C MET B 8 1.95 4.35 -14.71
N ILE B 9 2.72 4.35 -13.63
CA ILE B 9 3.74 3.34 -13.44
C ILE B 9 3.11 1.95 -13.38
N LYS B 10 1.92 1.84 -12.80
CA LYS B 10 1.25 0.55 -12.72
C LYS B 10 0.79 0.18 -14.10
N CYS B 11 0.45 1.20 -14.86
CA CYS B 11 0.00 1.04 -16.23
C CYS B 11 1.15 0.48 -17.09
N ALA B 12 2.31 1.14 -17.04
CA ALA B 12 3.46 0.70 -17.82
C ALA B 12 4.10 -0.60 -17.33
N ILE B 13 4.08 -0.82 -16.02
CA ILE B 13 4.68 -2.02 -15.44
C ILE B 13 3.64 -2.73 -14.59
N PRO B 14 2.69 -3.43 -15.25
CA PRO B 14 1.57 -4.20 -14.71
C PRO B 14 1.55 -4.62 -13.24
N GLY B 15 2.42 -5.55 -12.84
CA GLY B 15 2.40 -5.98 -11.46
C GLY B 15 3.21 -5.11 -10.52
N SER B 16 3.63 -3.95 -11.00
CA SER B 16 4.45 -3.07 -10.18
C SER B 16 3.79 -2.63 -8.88
N HIS B 17 4.62 -2.05 -8.05
CA HIS B 17 4.25 -1.51 -6.75
C HIS B 17 5.21 -0.32 -6.71
N PRO B 18 4.86 0.74 -7.42
CA PRO B 18 5.57 2.01 -7.60
C PRO B 18 6.32 2.56 -6.40
N LEU B 19 5.59 2.91 -5.36
CA LEU B 19 6.21 3.47 -4.17
C LEU B 19 7.22 2.53 -3.49
N MET B 20 6.83 1.28 -3.30
CA MET B 20 7.73 0.32 -2.69
C MET B 20 8.93 0.14 -3.59
N ASP B 21 8.67 -0.13 -4.86
CA ASP B 21 9.72 -0.37 -5.85
C ASP B 21 10.64 0.80 -6.24
N PHE B 22 10.05 1.96 -6.54
CA PHE B 22 10.82 3.09 -7.01
C PHE B 22 11.17 4.25 -6.10
N ASN B 23 10.69 4.24 -4.87
CA ASN B 23 11.05 5.32 -3.98
C ASN B 23 12.30 4.96 -3.20
N ASN B 24 13.19 5.93 -3.02
CA ASN B 24 14.43 5.71 -2.31
C ASN B 24 15.19 4.65 -3.10
N TYR B 25 15.65 5.03 -4.30
CA TYR B 25 16.40 4.13 -5.17
C TYR B 25 17.45 4.95 -5.92
N GLY B 26 18.67 4.43 -5.96
CA GLY B 26 19.74 5.15 -6.63
C GLY B 26 19.99 6.48 -5.96
N CYS B 27 20.31 7.49 -6.76
CA CYS B 27 20.59 8.81 -6.23
C CYS B 27 19.42 9.78 -6.45
N TYR B 28 18.61 9.51 -7.46
CA TYR B 28 17.53 10.41 -7.77
C TYR B 28 16.09 9.93 -7.56
N CYS B 29 15.87 8.63 -7.48
CA CYS B 29 14.50 8.14 -7.30
C CYS B 29 13.90 8.45 -5.94
N GLY B 30 13.03 9.45 -5.93
CA GLY B 30 12.38 9.87 -4.69
C GLY B 30 12.60 11.36 -4.45
N LEU B 31 12.09 11.85 -3.33
CA LEU B 31 12.25 13.26 -2.97
C LEU B 31 13.69 13.72 -3.11
N GLY B 32 13.94 14.66 -4.01
CA GLY B 32 15.29 15.16 -4.20
C GLY B 32 16.15 14.40 -5.19
N GLY B 33 17.47 14.53 -5.04
CA GLY B 33 18.41 13.86 -5.92
C GLY B 33 19.71 14.63 -6.04
N SER B 34 20.83 13.92 -6.06
CA SER B 34 22.15 14.55 -6.16
C SER B 34 23.21 13.58 -6.65
N GLY B 35 24.29 14.10 -7.24
CA GLY B 35 25.38 13.26 -7.71
C GLY B 35 25.22 12.66 -9.09
N THR B 36 25.81 11.48 -9.28
CA THR B 36 25.75 10.81 -10.57
C THR B 36 24.78 9.62 -10.52
N PRO B 37 23.86 9.54 -11.48
CA PRO B 37 22.92 8.42 -11.48
C PRO B 37 23.71 7.11 -11.54
N VAL B 38 23.34 6.11 -10.73
CA VAL B 38 24.09 4.86 -10.73
C VAL B 38 23.69 3.81 -11.75
N ASP B 39 22.57 4.00 -12.44
CA ASP B 39 22.13 3.02 -13.44
C ASP B 39 21.08 3.57 -14.42
N GLU B 40 20.56 2.69 -15.28
CA GLU B 40 19.56 3.07 -16.26
C GLU B 40 18.30 3.65 -15.61
N LEU B 41 17.92 3.08 -14.48
CA LEU B 41 16.73 3.52 -13.76
C LEU B 41 17.00 4.85 -13.04
N ASP B 42 18.15 4.93 -12.38
CA ASP B 42 18.50 6.14 -11.65
C ASP B 42 18.46 7.29 -12.64
N ARG B 43 18.94 7.03 -13.84
CA ARG B 43 18.96 8.05 -14.88
C ARG B 43 17.55 8.53 -15.22
N CYS B 44 16.57 7.62 -15.20
CA CYS B 44 15.18 7.98 -15.48
C CYS B 44 14.68 8.98 -14.43
N CYS B 45 14.91 8.66 -13.16
CA CYS B 45 14.49 9.53 -12.08
C CYS B 45 15.12 10.91 -12.18
N GLU B 46 16.42 10.94 -12.43
CA GLU B 46 17.10 12.22 -12.55
C GLU B 46 16.41 13.04 -13.61
N THR B 47 16.23 12.45 -14.78
CA THR B 47 15.58 13.13 -15.89
C THR B 47 14.23 13.66 -15.44
N HIS B 48 13.55 12.88 -14.61
CA HIS B 48 12.26 13.28 -14.10
C HIS B 48 12.41 14.55 -13.27
N ASP B 49 13.44 14.60 -12.43
CA ASP B 49 13.66 15.79 -11.61
C ASP B 49 13.89 16.97 -12.53
N ASN B 50 14.76 16.80 -13.51
CA ASN B 50 15.06 17.86 -14.46
C ASN B 50 13.80 18.34 -15.15
N CYS B 51 12.96 17.40 -15.55
CA CYS B 51 11.72 17.73 -16.23
C CYS B 51 10.87 18.63 -15.33
N TYR B 52 10.71 18.24 -14.08
CA TYR B 52 9.92 19.01 -13.13
C TYR B 52 10.49 20.42 -12.96
N ARG B 53 11.83 20.52 -12.87
CA ARG B 53 12.46 21.82 -12.74
C ARG B 53 11.96 22.69 -13.90
N ASP B 54 12.04 22.16 -15.11
CA ASP B 54 11.57 22.88 -16.29
C ASP B 54 10.15 23.40 -16.02
N ALA B 55 9.23 22.47 -15.79
CA ALA B 55 7.83 22.81 -15.53
C ALA B 55 7.66 24.07 -14.71
N LYS B 56 8.31 24.12 -13.55
CA LYS B 56 8.23 25.28 -12.67
C LYS B 56 8.70 26.58 -13.35
N ASN B 57 9.52 26.46 -14.39
CA ASN B 57 10.01 27.64 -15.08
C ASN B 57 9.13 28.01 -16.26
N LEU B 58 8.34 27.04 -16.71
CA LEU B 58 7.43 27.24 -17.84
C LEU B 58 6.42 28.33 -17.45
N ASP B 59 6.19 29.30 -18.34
CA ASP B 59 5.26 30.39 -18.05
C ASP B 59 3.85 29.92 -17.71
N SER B 60 3.43 28.81 -18.30
CA SER B 60 2.10 28.25 -18.05
C SER B 60 1.91 27.75 -16.61
N CYS B 61 2.99 27.32 -15.99
CA CYS B 61 2.91 26.84 -14.62
C CYS B 61 3.24 27.96 -13.64
N LYS B 62 3.07 29.18 -14.12
CA LYS B 62 3.35 30.37 -13.33
C LYS B 62 2.64 30.42 -12.00
N PHE B 63 1.42 29.89 -11.93
CA PHE B 63 0.68 29.94 -10.67
C PHE B 63 0.81 28.67 -9.84
N LEU B 64 1.51 27.68 -10.38
CA LEU B 64 1.71 26.45 -9.64
C LEU B 64 2.71 26.74 -8.52
N VAL B 65 2.21 27.20 -7.38
CA VAL B 65 3.05 27.53 -6.24
C VAL B 65 3.74 26.29 -5.67
N ASP B 66 2.98 25.21 -5.52
CA ASP B 66 3.48 23.95 -4.98
C ASP B 66 4.29 23.17 -6.03
N ASN B 67 4.84 22.02 -5.65
CA ASN B 67 5.62 21.24 -6.59
C ASN B 67 4.78 20.45 -7.58
N PRO B 68 5.37 20.09 -8.74
CA PRO B 68 4.64 19.34 -9.77
C PRO B 68 3.85 18.11 -9.31
N TYR B 69 4.28 17.46 -8.24
CA TYR B 69 3.57 16.29 -7.74
C TYR B 69 2.16 16.63 -7.26
N THR B 70 1.95 17.91 -6.94
CA THR B 70 0.66 18.39 -6.47
C THR B 70 -0.23 18.90 -7.60
N GLU B 71 0.26 18.80 -8.83
CA GLU B 71 -0.45 19.28 -10.01
C GLU B 71 -1.32 18.18 -10.65
N SER B 72 -2.61 18.42 -10.75
CA SER B 72 -3.47 17.42 -11.35
C SER B 72 -3.51 17.54 -12.88
N TYR B 73 -3.97 16.49 -13.53
CA TYR B 73 -4.08 16.44 -14.97
C TYR B 73 -4.89 15.23 -15.36
N SER B 74 -5.21 15.08 -16.63
CA SER B 74 -6.00 13.92 -17.03
C SER B 74 -5.23 13.03 -18.00
N TYR B 75 -5.17 11.75 -17.67
CA TYR B 75 -4.50 10.78 -18.50
C TYR B 75 -5.33 9.51 -18.36
N SER B 76 -5.20 8.61 -19.32
CA SER B 76 -5.95 7.34 -19.29
C SER B 76 -5.00 6.20 -19.62
N CYS B 77 -5.24 5.03 -19.03
CA CYS B 77 -4.39 3.88 -19.26
C CYS B 77 -5.07 2.77 -20.04
N SER B 78 -4.60 2.54 -21.26
CA SER B 78 -5.21 1.51 -22.09
C SER B 78 -4.22 0.43 -22.55
N ASN B 79 -4.30 -0.75 -21.95
CA ASN B 79 -3.41 -1.85 -22.33
C ASN B 79 -1.94 -1.47 -22.18
N THR B 80 -1.57 -1.05 -20.96
CA THR B 80 -0.19 -0.63 -20.64
C THR B 80 0.28 0.55 -21.50
N GLU B 81 -0.67 1.22 -22.14
CA GLU B 81 -0.39 2.37 -22.99
C GLU B 81 -0.85 3.63 -22.26
N ILE B 82 0.07 4.55 -22.01
CA ILE B 82 -0.29 5.77 -21.31
C ILE B 82 -0.60 6.90 -22.28
N THR B 83 -1.70 7.60 -22.06
CA THR B 83 -2.08 8.71 -22.90
C THR B 83 -2.52 9.92 -22.08
N CYS B 84 -1.92 11.08 -22.36
CA CYS B 84 -2.27 12.32 -21.65
C CYS B 84 -3.44 13.02 -22.32
N ASN B 85 -4.65 12.79 -21.81
CA ASN B 85 -5.87 13.40 -22.36
C ASN B 85 -5.64 14.84 -22.85
N SER B 86 -5.95 15.06 -24.12
CA SER B 86 -5.77 16.34 -24.79
C SER B 86 -6.50 17.52 -24.15
N LYS B 87 -7.48 17.25 -23.31
CA LYS B 87 -8.22 18.32 -22.67
C LYS B 87 -7.40 19.00 -21.57
N ASN B 88 -6.11 18.70 -21.52
CA ASN B 88 -5.21 19.27 -20.51
C ASN B 88 -4.56 20.60 -20.88
N ASN B 89 -4.85 21.63 -20.09
CA ASN B 89 -4.27 22.95 -20.32
C ASN B 89 -2.75 22.81 -20.30
N ALA B 90 -2.09 23.69 -21.06
CA ALA B 90 -0.63 23.71 -21.21
C ALA B 90 0.22 23.17 -20.05
N CYS B 91 0.12 23.80 -18.89
CA CYS B 91 0.91 23.38 -17.75
C CYS B 91 0.64 21.94 -17.32
N GLU B 92 -0.63 21.57 -17.15
CA GLU B 92 -0.96 20.20 -16.75
C GLU B 92 -0.42 19.20 -17.76
N ALA B 93 -0.48 19.57 -19.04
CA ALA B 93 -0.03 18.70 -20.12
C ALA B 93 1.47 18.41 -20.09
N PHE B 94 2.26 19.42 -19.76
CA PHE B 94 3.71 19.30 -19.69
C PHE B 94 4.10 18.36 -18.56
N ILE B 95 3.45 18.52 -17.41
CA ILE B 95 3.72 17.68 -16.26
C ILE B 95 3.19 16.26 -16.47
N CYS B 96 2.05 16.12 -17.14
CA CYS B 96 1.50 14.79 -17.42
C CYS B 96 2.52 14.02 -18.26
N ASN B 97 3.26 14.76 -19.08
CA ASN B 97 4.27 14.13 -19.94
C ASN B 97 5.56 13.80 -19.24
N CYS B 98 5.95 14.63 -18.29
CA CYS B 98 7.16 14.35 -17.53
C CYS B 98 6.91 12.97 -16.92
N ASP B 99 5.76 12.85 -16.27
CA ASP B 99 5.37 11.60 -15.62
C ASP B 99 5.23 10.46 -16.62
N ARG B 100 4.64 10.74 -17.78
CA ARG B 100 4.47 9.71 -18.77
C ARG B 100 5.83 9.15 -19.16
N ASN B 101 6.73 10.01 -19.64
CA ASN B 101 8.08 9.60 -20.03
C ASN B 101 8.74 8.80 -18.91
N ALA B 102 8.50 9.20 -17.67
CA ALA B 102 9.10 8.53 -16.53
C ALA B 102 8.64 7.09 -16.37
N ALA B 103 7.33 6.85 -16.45
CA ALA B 103 6.79 5.50 -16.31
C ALA B 103 7.31 4.59 -17.42
N ILE B 104 7.37 5.11 -18.65
CA ILE B 104 7.86 4.38 -19.81
C ILE B 104 9.35 4.08 -19.66
N CYS B 105 10.09 5.09 -19.20
CA CYS B 105 11.53 4.96 -18.99
C CYS B 105 11.79 3.90 -17.92
N PHE B 106 10.92 3.85 -16.90
CA PHE B 106 11.08 2.87 -15.82
C PHE B 106 10.85 1.45 -16.34
N SER B 107 9.87 1.29 -17.21
CA SER B 107 9.52 -0.02 -17.75
C SER B 107 10.57 -0.60 -18.66
N LYS B 108 11.55 0.21 -19.06
CA LYS B 108 12.62 -0.26 -19.95
C LYS B 108 13.96 -0.06 -19.31
N ALA B 109 13.99 -0.20 -17.99
CA ALA B 109 15.20 -0.04 -17.22
C ALA B 109 15.41 -1.26 -16.33
N PRO B 110 16.61 -1.83 -16.34
CA PRO B 110 16.92 -2.99 -15.51
C PRO B 110 16.76 -2.57 -14.06
N TYR B 111 16.29 -3.49 -13.21
CA TYR B 111 16.11 -3.16 -11.81
C TYR B 111 17.19 -3.84 -11.01
N ASN B 112 17.98 -3.05 -10.29
CA ASN B 112 19.06 -3.59 -9.49
C ASN B 112 18.73 -3.44 -8.00
N LYS B 113 18.25 -4.54 -7.38
CA LYS B 113 17.90 -4.51 -5.97
C LYS B 113 18.98 -3.90 -5.07
N GLU B 114 20.23 -4.02 -5.46
CA GLU B 114 21.30 -3.48 -4.64
C GLU B 114 21.39 -1.96 -4.69
N HIS B 115 20.64 -1.33 -5.58
CA HIS B 115 20.65 0.13 -5.67
C HIS B 115 19.47 0.70 -4.89
N LYS B 116 18.75 -0.18 -4.22
CA LYS B 116 17.61 0.20 -3.42
C LYS B 116 18.05 0.59 -2.01
N ASN B 117 17.74 1.82 -1.60
CA ASN B 117 18.10 2.35 -0.27
C ASN B 117 19.62 2.55 -0.18
N LEU B 118 20.22 2.92 -1.31
CA LEU B 118 21.66 3.17 -1.50
C LEU B 118 22.22 4.23 -0.57
N ASP B 119 23.43 4.02 -0.04
CA ASP B 119 24.05 5.02 0.83
C ASP B 119 24.40 6.25 -0.01
N THR B 120 23.45 7.17 -0.13
CA THR B 120 23.64 8.37 -0.93
C THR B 120 24.84 9.23 -0.56
N LYS B 121 25.06 9.47 0.72
CA LYS B 121 26.20 10.28 1.15
C LYS B 121 27.51 9.69 0.67
N LYS B 122 27.52 8.40 0.39
CA LYS B 122 28.72 7.71 -0.06
C LYS B 122 28.76 7.44 -1.56
N TYR B 123 27.64 7.58 -2.26
CA TYR B 123 27.58 7.30 -3.69
C TYR B 123 27.07 8.45 -4.55
N CYS B 124 26.51 9.47 -3.91
CA CYS B 124 25.97 10.62 -4.65
C CYS B 124 26.63 11.91 -4.18
N ALA C 1 8.10 -7.57 3.19
CA ALA C 1 6.81 -6.95 2.94
C ALA C 1 5.67 -7.95 3.19
N LEU C 2 4.47 -7.42 3.26
CA LEU C 2 3.26 -8.20 3.49
C LEU C 2 3.22 -9.35 2.50
N TRP C 3 3.73 -9.10 1.31
CA TRP C 3 3.77 -10.10 0.24
C TRP C 3 4.63 -11.31 0.65
N GLN C 4 5.90 -11.06 0.96
CA GLN C 4 6.80 -12.15 1.34
C GLN C 4 6.29 -12.89 2.57
N PHE C 5 5.81 -12.14 3.57
CA PHE C 5 5.31 -12.74 4.82
C PHE C 5 4.22 -13.79 4.55
N ARG C 6 3.42 -13.55 3.52
CA ARG C 6 2.38 -14.49 3.14
C ARG C 6 3.08 -15.74 2.60
N SER C 7 4.13 -15.52 1.82
CA SER C 7 4.90 -16.61 1.23
C SER C 7 5.56 -17.48 2.29
N MET C 8 6.17 -16.86 3.30
CA MET C 8 6.81 -17.60 4.36
C MET C 8 5.85 -18.50 5.10
N ILE C 9 4.71 -17.95 5.49
CA ILE C 9 3.71 -18.74 6.21
C ILE C 9 3.32 -19.93 5.34
N LYS C 10 3.01 -19.67 4.08
CA LYS C 10 2.65 -20.73 3.15
C LYS C 10 3.78 -21.77 3.11
N CYS C 11 5.01 -21.27 3.11
CA CYS C 11 6.19 -22.13 3.09
C CYS C 11 6.26 -23.11 4.27
N ALA C 12 6.25 -22.57 5.49
CA ALA C 12 6.31 -23.37 6.71
C ALA C 12 5.03 -24.12 7.02
N ILE C 13 3.94 -23.76 6.34
CA ILE C 13 2.64 -24.40 6.53
C ILE C 13 1.99 -24.56 5.15
N PRO C 14 2.51 -25.49 4.33
CA PRO C 14 2.08 -25.83 2.97
C PRO C 14 0.70 -25.40 2.48
N GLY C 15 -0.35 -26.12 2.87
CA GLY C 15 -1.68 -25.76 2.41
C GLY C 15 -2.31 -24.56 3.09
N SER C 16 -1.50 -23.71 3.70
CA SER C 16 -2.00 -22.56 4.42
C SER C 16 -2.58 -21.41 3.58
N HIS C 17 -3.55 -20.72 4.15
CA HIS C 17 -4.21 -19.57 3.53
C HIS C 17 -4.02 -18.43 4.55
N PRO C 18 -2.78 -17.97 4.71
CA PRO C 18 -2.34 -16.91 5.62
C PRO C 18 -3.39 -15.85 5.94
N LEU C 19 -3.71 -15.05 4.94
CA LEU C 19 -4.65 -13.95 5.08
C LEU C 19 -6.03 -14.37 5.54
N MET C 20 -6.40 -15.61 5.26
CA MET C 20 -7.72 -16.12 5.62
C MET C 20 -7.64 -16.75 7.01
N ASP C 21 -6.51 -17.39 7.29
CA ASP C 21 -6.30 -18.08 8.55
C ASP C 21 -5.81 -17.24 9.73
N PHE C 22 -4.72 -16.52 9.52
CA PHE C 22 -4.11 -15.73 10.58
C PHE C 22 -4.47 -14.25 10.71
N ASN C 23 -5.11 -13.66 9.70
CA ASN C 23 -5.48 -12.26 9.83
C ASN C 23 -6.69 -12.20 10.73
N ASN C 24 -6.66 -11.26 11.68
CA ASN C 24 -7.75 -11.09 12.64
C ASN C 24 -8.02 -12.35 13.43
N TYR C 25 -7.06 -12.69 14.28
CA TYR C 25 -7.15 -13.84 15.15
C TYR C 25 -6.56 -13.39 16.47
N GLY C 26 -7.20 -13.79 17.56
CA GLY C 26 -6.72 -13.42 18.87
C GLY C 26 -6.78 -11.93 19.04
N CYS C 27 -5.88 -11.38 19.85
CA CYS C 27 -5.87 -9.94 20.09
C CYS C 27 -4.69 -9.29 19.38
N TYR C 28 -3.77 -10.09 18.85
CA TYR C 28 -2.58 -9.53 18.20
C TYR C 28 -2.42 -9.83 16.73
N CYS C 29 -3.03 -10.91 16.25
CA CYS C 29 -2.93 -11.28 14.84
C CYS C 29 -3.79 -10.37 13.98
N GLY C 30 -3.19 -9.30 13.50
CA GLY C 30 -3.89 -8.33 12.66
C GLY C 30 -3.50 -6.92 13.00
N LEU C 31 -4.17 -5.94 12.41
CA LEU C 31 -3.87 -4.55 12.68
C LEU C 31 -3.94 -4.39 14.19
N GLY C 32 -3.11 -3.52 14.74
CA GLY C 32 -3.13 -3.31 16.18
C GLY C 32 -2.92 -4.57 16.99
N GLY C 33 -3.04 -4.44 18.30
CA GLY C 33 -2.85 -5.57 19.20
C GLY C 33 -2.90 -5.08 20.64
N SER C 34 -3.67 -5.77 21.48
CA SER C 34 -3.78 -5.34 22.87
C SER C 34 -4.24 -6.44 23.84
N GLY C 35 -4.21 -6.10 25.11
CA GLY C 35 -4.64 -7.01 26.16
C GLY C 35 -3.74 -8.20 26.36
N THR C 36 -4.34 -9.28 26.85
CA THR C 36 -3.61 -10.51 27.10
C THR C 36 -3.73 -11.43 25.89
N PRO C 37 -2.59 -11.91 25.36
CA PRO C 37 -2.67 -12.82 24.22
C PRO C 37 -3.57 -13.99 24.62
N VAL C 38 -4.46 -14.41 23.71
CA VAL C 38 -5.41 -15.48 24.03
C VAL C 38 -4.93 -16.92 23.91
N ASP C 39 -3.77 -17.14 23.30
CA ASP C 39 -3.21 -18.50 23.17
C ASP C 39 -1.78 -18.48 22.64
N GLU C 40 -1.20 -19.65 22.38
CA GLU C 40 0.17 -19.71 21.90
C GLU C 40 0.35 -19.02 20.55
N LEU C 41 -0.62 -19.21 19.66
CA LEU C 41 -0.55 -18.58 18.35
C LEU C 41 -0.59 -17.07 18.56
N ASP C 42 -1.55 -16.62 19.37
CA ASP C 42 -1.71 -15.21 19.64
C ASP C 42 -0.43 -14.60 20.20
N ARG C 43 0.25 -15.34 21.05
CA ARG C 43 1.50 -14.83 21.59
C ARG C 43 2.52 -14.69 20.47
N CYS C 44 2.41 -15.51 19.44
CA CYS C 44 3.31 -15.44 18.29
C CYS C 44 3.14 -14.07 17.69
N CYS C 45 1.90 -13.74 17.37
CA CYS C 45 1.57 -12.46 16.77
C CYS C 45 1.99 -11.29 17.64
N GLU C 46 1.83 -11.44 18.96
CA GLU C 46 2.23 -10.38 19.87
C GLU C 46 3.74 -10.16 19.76
N THR C 47 4.46 -11.26 19.72
CA THR C 47 5.90 -11.19 19.61
C THR C 47 6.22 -10.51 18.30
N HIS C 48 5.54 -10.95 17.26
CA HIS C 48 5.73 -10.42 15.91
C HIS C 48 5.41 -8.92 15.83
N ASP C 49 4.49 -8.46 16.67
CA ASP C 49 4.14 -7.04 16.69
C ASP C 49 5.23 -6.21 17.34
N ASN C 50 5.86 -6.77 18.37
CA ASN C 50 6.94 -6.05 19.05
C ASN C 50 8.08 -5.90 18.08
N CYS C 51 8.45 -7.03 17.49
CA CYS C 51 9.52 -7.10 16.52
C CYS C 51 9.33 -5.95 15.53
N TYR C 52 8.14 -5.87 14.95
CA TYR C 52 7.81 -4.81 14.01
C TYR C 52 7.98 -3.43 14.63
N ARG C 53 7.65 -3.29 15.91
CA ARG C 53 7.81 -2.01 16.57
C ARG C 53 9.28 -1.61 16.54
N ASP C 54 10.15 -2.57 16.80
CA ASP C 54 11.58 -2.32 16.77
C ASP C 54 12.05 -2.02 15.36
N ALA C 55 11.72 -2.90 14.43
CA ALA C 55 12.09 -2.75 13.03
C ALA C 55 11.91 -1.30 12.57
N LYS C 56 10.78 -0.70 12.97
CA LYS C 56 10.47 0.68 12.59
C LYS C 56 11.37 1.72 13.23
N ASN C 57 11.83 1.47 14.44
CA ASN C 57 12.71 2.41 15.13
C ASN C 57 14.13 2.31 14.58
N LEU C 58 14.41 1.23 13.87
CA LEU C 58 15.71 1.01 13.29
C LEU C 58 16.27 2.18 12.52
N ASP C 59 17.57 2.32 12.65
CA ASP C 59 18.38 3.34 12.00
C ASP C 59 18.35 3.17 10.47
N SER C 60 18.39 1.91 10.04
CA SER C 60 18.42 1.52 8.63
C SER C 60 17.08 1.60 7.86
N CYS C 61 15.97 1.58 8.59
CA CYS C 61 14.67 1.71 7.93
C CYS C 61 14.41 3.21 7.90
N LYS C 62 15.08 3.87 6.97
CA LYS C 62 15.03 5.31 6.81
C LYS C 62 13.67 5.95 6.57
N PHE C 63 13.03 5.59 5.46
CA PHE C 63 11.76 6.20 5.09
C PHE C 63 10.47 5.46 5.44
N LEU C 64 9.36 6.18 5.36
CA LEU C 64 8.05 5.62 5.68
C LEU C 64 7.75 4.29 5.01
N VAL C 65 8.09 4.18 3.73
CA VAL C 65 7.84 2.95 2.98
C VAL C 65 8.74 1.81 3.43
N ASP C 66 9.62 2.09 4.38
CA ASP C 66 10.48 1.05 4.89
C ASP C 66 9.75 0.37 6.04
N ASN C 67 8.50 0.77 6.21
CA ASN C 67 7.60 0.21 7.21
C ASN C 67 7.65 -1.30 6.96
N PRO C 68 7.53 -2.13 8.00
CA PRO C 68 7.58 -3.58 7.80
C PRO C 68 6.61 -4.19 6.80
N TYR C 69 5.42 -3.63 6.66
CA TYR C 69 4.46 -4.19 5.72
C TYR C 69 4.86 -3.96 4.28
N THR C 70 5.48 -2.81 4.02
CA THR C 70 5.86 -2.46 2.66
C THR C 70 7.35 -2.58 2.34
N GLU C 71 8.13 -3.16 3.25
CA GLU C 71 9.57 -3.30 3.03
C GLU C 71 9.92 -4.60 2.38
N SER C 72 10.23 -4.55 1.09
CA SER C 72 10.58 -5.76 0.38
C SER C 72 11.96 -6.29 0.79
N TYR C 73 12.07 -7.61 0.80
CA TYR C 73 13.30 -8.31 1.12
C TYR C 73 13.27 -9.60 0.34
N SER C 74 14.33 -10.39 0.42
CA SER C 74 14.39 -11.65 -0.31
C SER C 74 14.57 -12.79 0.67
N TYR C 75 14.04 -13.94 0.31
CA TYR C 75 14.15 -15.10 1.17
C TYR C 75 13.99 -16.34 0.28
N SER C 76 14.36 -17.51 0.80
CA SER C 76 14.24 -18.74 0.04
C SER C 76 13.51 -19.79 0.85
N CYS C 77 12.69 -20.60 0.17
CA CYS C 77 11.95 -21.65 0.85
C CYS C 77 12.31 -23.03 0.32
N SER C 78 13.16 -23.73 1.09
CA SER C 78 13.59 -25.06 0.71
C SER C 78 13.02 -26.11 1.65
N ASN C 79 12.04 -26.87 1.18
CA ASN C 79 11.43 -27.90 2.00
C ASN C 79 10.92 -27.30 3.32
N THR C 80 9.96 -26.40 3.22
CA THR C 80 9.36 -25.73 4.37
C THR C 80 10.33 -25.01 5.29
N GLU C 81 11.55 -24.80 4.84
CA GLU C 81 12.53 -24.11 5.66
C GLU C 81 12.74 -22.72 5.07
N ILE C 82 12.64 -21.70 5.90
CA ILE C 82 12.79 -20.32 5.45
C ILE C 82 14.22 -19.85 5.66
N THR C 83 14.78 -19.18 4.66
CA THR C 83 16.13 -18.66 4.75
C THR C 83 16.20 -17.26 4.16
N CYS C 84 16.57 -16.27 4.98
CA CYS C 84 16.67 -14.90 4.51
C CYS C 84 17.93 -14.74 3.68
N ASN C 85 17.80 -13.97 2.60
CA ASN C 85 18.91 -13.74 1.69
C ASN C 85 20.03 -12.92 2.34
N SER C 86 21.24 -13.44 2.25
CA SER C 86 22.41 -12.78 2.81
C SER C 86 22.52 -11.34 2.36
N LYS C 87 21.99 -11.04 1.18
CA LYS C 87 22.06 -9.70 0.60
C LYS C 87 21.11 -8.65 1.15
N ASN C 88 20.27 -9.00 2.12
CA ASN C 88 19.32 -8.03 2.66
C ASN C 88 19.93 -6.90 3.50
N ASN C 89 19.33 -5.71 3.42
CA ASN C 89 19.78 -4.54 4.18
C ASN C 89 19.67 -4.86 5.64
N ALA C 90 20.24 -3.98 6.46
CA ALA C 90 20.14 -4.14 7.88
C ALA C 90 18.62 -4.11 8.10
N CYS C 91 17.96 -3.13 7.51
CA CYS C 91 16.50 -2.99 7.63
C CYS C 91 15.73 -4.17 7.04
N GLU C 92 16.06 -4.54 5.80
CA GLU C 92 15.37 -5.65 5.14
C GLU C 92 15.62 -6.96 5.87
N ALA C 93 16.87 -7.17 6.28
CA ALA C 93 17.24 -8.39 6.97
C ALA C 93 16.53 -8.50 8.30
N PHE C 94 16.33 -7.37 8.97
CA PHE C 94 15.67 -7.37 10.27
C PHE C 94 14.22 -7.76 10.12
N ILE C 95 13.53 -7.08 9.22
CA ILE C 95 12.14 -7.38 8.98
C ILE C 95 11.99 -8.80 8.49
N CYS C 96 12.97 -9.28 7.72
CA CYS C 96 12.90 -10.64 7.20
C CYS C 96 12.93 -11.66 8.34
N ASN C 97 13.65 -11.36 9.41
CA ASN C 97 13.70 -12.30 10.52
C ASN C 97 12.46 -12.27 11.38
N CYS C 98 11.86 -11.09 11.53
CA CYS C 98 10.65 -10.97 12.33
C CYS C 98 9.62 -11.92 11.74
N ASP C 99 9.45 -11.83 10.42
CA ASP C 99 8.49 -12.64 9.68
C ASP C 99 8.79 -14.13 9.81
N ARG C 100 10.07 -14.49 9.62
CA ARG C 100 10.51 -15.88 9.71
C ARG C 100 10.22 -16.49 11.07
N ASN C 101 10.60 -15.80 12.14
CA ASN C 101 10.35 -16.31 13.48
C ASN C 101 8.87 -16.45 13.71
N ALA C 102 8.08 -15.58 13.08
CA ALA C 102 6.63 -15.62 13.22
C ALA C 102 6.07 -16.77 12.40
N ALA C 103 6.63 -16.97 11.22
CA ALA C 103 6.20 -18.07 10.35
C ALA C 103 6.38 -19.39 11.10
N ILE C 104 7.61 -19.68 11.52
CA ILE C 104 7.89 -20.91 12.25
C ILE C 104 6.98 -21.09 13.47
N CYS C 105 6.77 -20.00 14.21
CA CYS C 105 5.92 -19.97 15.40
C CYS C 105 4.50 -20.40 15.03
N PHE C 106 4.00 -19.86 13.92
CA PHE C 106 2.65 -20.19 13.47
C PHE C 106 2.52 -21.66 13.19
N SER C 107 3.56 -22.25 12.62
CA SER C 107 3.55 -23.66 12.27
C SER C 107 3.69 -24.57 13.48
N LYS C 108 3.95 -24.00 14.65
CA LYS C 108 4.10 -24.82 15.85
C LYS C 108 3.03 -24.58 16.88
N ALA C 109 2.17 -23.60 16.64
CA ALA C 109 1.11 -23.26 17.57
C ALA C 109 -0.25 -23.81 17.18
N PRO C 110 -0.98 -24.36 18.16
CA PRO C 110 -2.31 -24.93 17.95
C PRO C 110 -3.27 -23.87 17.41
N TYR C 111 -4.13 -24.27 16.50
CA TYR C 111 -5.09 -23.35 15.93
C TYR C 111 -6.44 -23.54 16.60
N ASN C 112 -7.04 -22.46 17.08
CA ASN C 112 -8.34 -22.55 17.73
C ASN C 112 -9.37 -21.72 16.95
N LYS C 113 -10.20 -22.39 16.16
CA LYS C 113 -11.23 -21.69 15.38
C LYS C 113 -12.01 -20.76 16.29
N GLU C 114 -12.03 -21.11 17.57
CA GLU C 114 -12.72 -20.33 18.58
C GLU C 114 -12.33 -18.86 18.59
N HIS C 115 -11.02 -18.61 18.45
CA HIS C 115 -10.46 -17.28 18.48
C HIS C 115 -10.37 -16.50 17.18
N LYS C 116 -10.83 -17.07 16.07
CA LYS C 116 -10.79 -16.35 14.80
C LYS C 116 -11.84 -15.23 14.86
N ASN C 117 -11.45 -14.03 14.41
CA ASN C 117 -12.35 -12.89 14.43
C ASN C 117 -12.93 -12.69 15.83
N LEU C 118 -12.05 -12.32 16.76
CA LEU C 118 -12.42 -12.11 18.16
C LEU C 118 -12.94 -10.70 18.41
N ASP C 119 -13.95 -10.57 19.28
CA ASP C 119 -14.47 -9.26 19.60
C ASP C 119 -13.39 -8.65 20.47
N THR C 120 -12.49 -7.88 19.87
CA THR C 120 -11.40 -7.30 20.64
C THR C 120 -11.82 -6.22 21.62
N LYS C 121 -12.82 -5.43 21.25
CA LYS C 121 -13.28 -4.35 22.14
C LYS C 121 -13.79 -4.93 23.46
N LYS C 122 -14.12 -6.21 23.45
CA LYS C 122 -14.63 -6.85 24.65
C LYS C 122 -13.57 -7.65 25.39
N TYR C 123 -12.90 -8.53 24.67
CA TYR C 123 -11.89 -9.44 25.23
C TYR C 123 -10.44 -9.00 25.31
N CYS C 124 -10.09 -7.83 24.78
CA CYS C 124 -8.71 -7.40 24.84
C CYS C 124 -8.62 -6.07 25.59
N ALA D 1 -5.20 9.65 3.95
CA ALA D 1 -4.16 8.82 4.50
C ALA D 1 -2.86 9.64 4.56
N LEU D 2 -1.72 8.96 4.48
CA LEU D 2 -0.40 9.60 4.58
C LEU D 2 -0.30 10.78 3.61
N TRP D 3 -0.97 10.66 2.47
CA TRP D 3 -0.95 11.71 1.46
C TRP D 3 -1.86 12.88 1.84
N GLN D 4 -3.02 12.58 2.41
CA GLN D 4 -3.94 13.65 2.81
C GLN D 4 -3.33 14.41 3.98
N PHE D 5 -2.80 13.67 4.94
CA PHE D 5 -2.17 14.29 6.11
C PHE D 5 -1.19 15.37 5.65
N ARG D 6 -0.55 15.12 4.51
CA ARG D 6 0.43 16.04 3.92
C ARG D 6 -0.16 17.40 3.55
N SER D 7 -1.37 17.39 2.99
CA SER D 7 -2.02 18.63 2.59
C SER D 7 -2.68 19.28 3.81
N MET D 8 -3.10 18.46 4.75
CA MET D 8 -3.73 18.95 5.98
C MET D 8 -2.70 19.83 6.69
N ILE D 9 -1.44 19.45 6.52
CA ILE D 9 -0.31 20.19 7.09
C ILE D 9 -0.05 21.46 6.28
N LYS D 10 0.03 21.30 4.96
CA LYS D 10 0.26 22.39 4.02
C LYS D 10 -0.83 23.43 4.24
N CYS D 11 -2.04 22.94 4.51
CA CYS D 11 -3.18 23.79 4.76
C CYS D 11 -2.98 24.64 6.01
N ALA D 12 -2.35 24.06 7.03
CA ALA D 12 -2.09 24.76 8.28
C ALA D 12 -0.86 25.66 8.14
N ILE D 13 0.15 25.16 7.45
CA ILE D 13 1.39 25.90 7.23
C ILE D 13 1.52 26.14 5.72
N PRO D 14 0.64 26.98 5.14
CA PRO D 14 0.62 27.32 3.72
C PRO D 14 1.96 27.43 3.00
N GLY D 15 3.03 27.72 3.75
CA GLY D 15 4.33 27.84 3.12
C GLY D 15 5.27 26.74 3.55
N SER D 16 4.70 25.57 3.84
CA SER D 16 5.49 24.43 4.29
C SER D 16 5.62 23.38 3.20
N HIS D 17 6.72 22.64 3.30
CA HIS D 17 6.99 21.55 2.37
C HIS D 17 6.97 20.30 3.26
N PRO D 18 5.76 19.84 3.60
CA PRO D 18 5.50 18.68 4.45
C PRO D 18 6.55 17.58 4.52
N LEU D 19 6.59 16.71 3.50
CA LEU D 19 7.54 15.61 3.51
C LEU D 19 9.00 16.00 3.76
N MET D 20 9.50 16.96 3.01
CA MET D 20 10.87 17.41 3.18
C MET D 20 11.08 18.07 4.53
N ASP D 21 10.07 18.78 5.00
CA ASP D 21 10.15 19.48 6.29
C ASP D 21 10.09 18.61 7.54
N PHE D 22 8.99 17.88 7.71
CA PHE D 22 8.79 17.06 8.91
C PHE D 22 9.21 15.60 8.92
N ASN D 23 9.40 15.01 7.75
CA ASN D 23 9.80 13.61 7.74
C ASN D 23 11.25 13.50 8.18
N ASN D 24 11.52 12.56 9.07
CA ASN D 24 12.86 12.34 9.58
C ASN D 24 13.42 13.47 10.41
N TYR D 25 12.54 14.11 11.17
CA TYR D 25 12.98 15.20 12.06
C TYR D 25 12.93 14.69 13.48
N GLY D 26 14.02 14.84 14.20
CA GLY D 26 14.07 14.41 15.58
C GLY D 26 13.91 12.92 15.76
N CYS D 27 13.57 12.50 16.97
CA CYS D 27 13.43 11.09 17.26
C CYS D 27 12.08 10.47 16.91
N TYR D 28 11.03 11.27 16.81
CA TYR D 28 9.70 10.75 16.52
C TYR D 28 9.08 11.04 15.16
N CYS D 29 9.42 12.16 14.54
CA CYS D 29 8.84 12.45 13.23
C CYS D 29 9.43 11.53 12.18
N GLY D 30 8.58 10.66 11.62
CA GLY D 30 9.03 9.72 10.61
C GLY D 30 8.92 8.28 11.09
N LEU D 31 9.38 7.33 10.28
CA LEU D 31 9.31 5.93 10.68
C LEU D 31 9.92 5.81 12.07
N GLY D 32 9.40 4.89 12.88
CA GLY D 32 9.94 4.74 14.21
C GLY D 32 9.68 5.92 15.13
N GLY D 33 10.29 5.87 16.31
CA GLY D 33 10.13 6.92 17.29
C GLY D 33 10.57 6.34 18.61
N SER D 34 11.56 6.95 19.25
CA SER D 34 12.07 6.43 20.52
C SER D 34 12.83 7.45 21.34
N GLY D 35 13.09 7.10 22.59
CA GLY D 35 13.83 7.99 23.49
C GLY D 35 13.05 9.24 23.81
N THR D 36 13.71 10.19 24.45
CA THR D 36 13.09 11.45 24.83
C THR D 36 12.99 12.40 23.64
N PRO D 37 11.79 12.91 23.37
CA PRO D 37 11.65 13.83 22.24
C PRO D 37 12.69 14.92 22.39
N VAL D 38 13.16 15.48 21.28
CA VAL D 38 14.19 16.52 21.34
C VAL D 38 13.67 17.95 21.44
N ASP D 39 12.38 18.15 21.23
CA ASP D 39 11.81 19.50 21.32
C ASP D 39 10.30 19.49 21.15
N GLU D 40 9.69 20.67 21.27
CA GLU D 40 8.24 20.79 21.13
C GLU D 40 7.74 20.05 19.90
N LEU D 41 8.39 20.29 18.77
CA LEU D 41 8.01 19.67 17.52
C LEU D 41 8.11 18.15 17.60
N ASP D 42 9.28 17.67 18.01
CA ASP D 42 9.52 16.23 18.12
C ASP D 42 8.43 15.56 18.95
N ARG D 43 7.95 16.27 19.97
CA ARG D 43 6.90 15.74 20.83
C ARG D 43 5.60 15.70 20.05
N CYS D 44 5.41 16.67 19.16
CA CYS D 44 4.21 16.71 18.34
C CYS D 44 4.05 15.38 17.62
N CYS D 45 5.18 14.85 17.16
CA CYS D 45 5.15 13.59 16.44
C CYS D 45 4.96 12.43 17.40
N GLU D 46 5.62 12.47 18.55
CA GLU D 46 5.45 11.40 19.55
C GLU D 46 3.98 11.22 19.84
N THR D 47 3.32 12.34 20.16
CA THR D 47 1.89 12.36 20.45
C THR D 47 1.15 11.75 19.27
N HIS D 48 1.47 12.23 18.07
CA HIS D 48 0.86 11.73 16.85
C HIS D 48 1.06 10.21 16.76
N ASP D 49 2.27 9.75 17.03
CA ASP D 49 2.57 8.32 16.98
C ASP D 49 1.61 7.54 17.87
N ASN D 50 1.56 7.89 19.14
CA ASN D 50 0.66 7.21 20.07
C ASN D 50 -0.75 7.23 19.52
N CYS D 51 -1.06 8.26 18.75
CA CYS D 51 -2.38 8.38 18.17
C CYS D 51 -2.55 7.29 17.13
N TYR D 52 -1.62 7.21 16.19
CA TYR D 52 -1.67 6.19 15.14
C TYR D 52 -1.71 4.78 15.72
N ARG D 53 -0.97 4.56 16.80
CA ARG D 53 -0.93 3.26 17.45
C ARG D 53 -2.28 2.98 18.10
N ASP D 54 -2.89 4.01 18.68
CA ASP D 54 -4.19 3.84 19.29
C ASP D 54 -5.19 3.47 18.20
N ALA D 55 -5.12 4.19 17.08
CA ALA D 55 -5.99 3.97 15.93
C ALA D 55 -5.97 2.50 15.47
N LYS D 56 -4.77 1.96 15.28
CA LYS D 56 -4.62 0.58 14.84
C LYS D 56 -5.32 -0.44 15.73
N ASN D 57 -5.46 -0.15 17.01
CA ASN D 57 -6.11 -1.08 17.93
C ASN D 57 -7.63 -1.09 17.79
N LEU D 58 -8.20 0.08 17.52
CA LEU D 58 -9.64 0.22 17.35
C LEU D 58 -10.24 -0.89 16.53
N ASP D 59 -11.20 -1.61 17.09
CA ASP D 59 -11.83 -2.66 16.31
C ASP D 59 -12.56 -1.99 15.15
N SER D 60 -12.63 -0.66 15.19
CA SER D 60 -13.26 0.16 14.16
C SER D 60 -12.52 -0.08 12.84
N CYS D 61 -11.19 -0.15 12.94
CA CYS D 61 -10.35 -0.41 11.78
C CYS D 61 -10.04 -1.90 11.88
N LYS D 62 -10.79 -2.73 11.18
CA LYS D 62 -10.56 -4.16 11.30
C LYS D 62 -9.61 -4.83 10.33
N PHE D 63 -9.23 -4.13 9.26
CA PHE D 63 -8.34 -4.75 8.31
C PHE D 63 -7.01 -4.03 8.13
N LEU D 64 -5.98 -4.79 7.77
CA LEU D 64 -4.65 -4.24 7.59
C LEU D 64 -4.65 -3.02 6.67
N VAL D 65 -5.52 -3.01 5.68
CA VAL D 65 -5.62 -1.90 4.74
C VAL D 65 -6.10 -0.64 5.47
N ASP D 66 -6.72 -0.83 6.63
CA ASP D 66 -7.24 0.29 7.42
C ASP D 66 -6.16 0.89 8.34
N ASN D 67 -4.92 0.77 7.90
CA ASN D 67 -3.74 1.31 8.59
C ASN D 67 -3.89 2.84 8.55
N PRO D 68 -3.38 3.55 9.56
CA PRO D 68 -3.52 5.01 9.52
C PRO D 68 -2.82 5.65 8.33
N TYR D 69 -1.95 4.88 7.66
CA TYR D 69 -1.19 5.38 6.52
C TYR D 69 -1.92 5.24 5.20
N THR D 70 -2.94 4.41 5.16
CA THR D 70 -3.67 4.21 3.92
C THR D 70 -5.15 4.49 4.04
N GLU D 71 -5.66 4.49 5.27
CA GLU D 71 -7.07 4.76 5.52
C GLU D 71 -7.40 6.15 4.97
N SER D 72 -8.31 6.20 4.01
CA SER D 72 -8.70 7.47 3.42
C SER D 72 -9.90 8.08 4.13
N TYR D 73 -9.76 9.32 4.56
CA TYR D 73 -10.84 10.00 5.25
C TYR D 73 -11.12 11.30 4.50
N SER D 74 -12.16 12.02 4.91
CA SER D 74 -12.53 13.28 4.28
C SER D 74 -12.27 14.48 5.19
N TYR D 75 -11.53 15.46 4.69
CA TYR D 75 -11.21 16.65 5.46
C TYR D 75 -11.30 17.94 4.64
N SER D 76 -11.62 19.04 5.32
CA SER D 76 -11.75 20.35 4.67
C SER D 76 -10.72 21.36 5.18
N CYS D 77 -10.29 22.25 4.29
CA CYS D 77 -9.32 23.27 4.65
C CYS D 77 -9.93 24.65 4.37
N SER D 78 -10.68 25.17 5.34
CA SER D 78 -11.31 26.47 5.18
C SER D 78 -10.37 27.60 5.56
N ASN D 79 -9.27 27.72 4.82
CA ASN D 79 -8.31 28.78 5.08
C ASN D 79 -7.59 28.51 6.41
N THR D 80 -6.51 27.75 6.35
CA THR D 80 -5.74 27.39 7.55
C THR D 80 -6.50 26.42 8.45
N GLU D 81 -7.61 26.89 9.03
CA GLU D 81 -8.41 26.05 9.90
C GLU D 81 -8.70 24.71 9.22
N ILE D 82 -8.60 23.63 9.98
CA ILE D 82 -8.83 22.28 9.46
C ILE D 82 -10.13 21.71 10.04
N THR D 83 -10.76 20.79 9.32
CA THR D 83 -12.03 20.20 9.76
C THR D 83 -12.19 18.74 9.32
N CYS D 84 -12.54 17.86 10.25
CA CYS D 84 -12.73 16.45 9.90
C CYS D 84 -14.18 16.17 9.57
N ASN D 85 -14.48 16.27 8.28
CA ASN D 85 -15.82 16.06 7.76
C ASN D 85 -16.59 14.92 8.42
N SER D 86 -17.77 15.28 8.92
CA SER D 86 -18.67 14.36 9.60
C SER D 86 -18.94 13.08 8.84
N LYS D 87 -18.50 13.01 7.60
CA LYS D 87 -18.70 11.80 6.80
C LYS D 87 -17.95 10.63 7.45
N ASN D 88 -16.65 10.81 7.63
CA ASN D 88 -15.76 9.80 8.21
C ASN D 88 -16.40 8.85 9.20
N ASN D 89 -16.19 7.55 8.98
CA ASN D 89 -16.75 6.53 9.87
C ASN D 89 -15.92 6.54 11.15
N ALA D 90 -16.09 5.51 11.97
CA ALA D 90 -15.34 5.44 13.24
C ALA D 90 -13.83 5.44 13.04
N CYS D 91 -13.34 4.54 12.19
CA CYS D 91 -11.91 4.45 11.93
C CYS D 91 -11.42 5.74 11.29
N GLU D 92 -12.04 6.11 10.18
CA GLU D 92 -11.67 7.32 9.45
C GLU D 92 -11.62 8.54 10.37
N ALA D 93 -12.65 8.68 11.21
CA ALA D 93 -12.76 9.79 12.13
C ALA D 93 -11.57 9.88 13.09
N PHE D 94 -11.26 8.76 13.73
CA PHE D 94 -10.14 8.72 14.67
C PHE D 94 -8.84 9.10 14.00
N ILE D 95 -8.54 8.46 12.88
CA ILE D 95 -7.32 8.75 12.15
C ILE D 95 -7.28 10.21 11.70
N CYS D 96 -8.44 10.74 11.30
CA CYS D 96 -8.51 12.13 10.85
C CYS D 96 -8.09 13.10 11.98
N ASN D 97 -8.72 12.97 13.15
CA ASN D 97 -8.37 13.85 14.27
C ASN D 97 -6.87 13.82 14.53
N CYS D 98 -6.32 12.62 14.59
CA CYS D 98 -4.90 12.46 14.82
C CYS D 98 -4.11 13.36 13.88
N ASP D 99 -4.57 13.45 12.63
CA ASP D 99 -3.92 14.26 11.63
C ASP D 99 -4.17 15.76 11.84
N ARG D 100 -5.40 16.11 12.21
CA ARG D 100 -5.75 17.51 12.43
C ARG D 100 -4.86 18.12 13.53
N ASN D 101 -4.76 17.43 14.66
CA ASN D 101 -3.95 17.91 15.78
C ASN D 101 -2.46 17.97 15.48
N ALA D 102 -1.93 16.93 14.84
CA ALA D 102 -0.52 16.91 14.53
C ALA D 102 -0.17 18.08 13.62
N ALA D 103 -1.12 18.44 12.77
CA ALA D 103 -0.92 19.55 11.84
C ALA D 103 -0.84 20.84 12.66
N ILE D 104 -1.89 21.12 13.41
CA ILE D 104 -1.90 22.30 14.25
C ILE D 104 -0.61 22.29 15.07
N CYS D 105 -0.42 21.26 15.90
CA CYS D 105 0.78 21.13 16.72
C CYS D 105 2.02 21.58 15.96
N PHE D 106 2.25 20.98 14.81
CA PHE D 106 3.39 21.31 13.97
C PHE D 106 3.44 22.82 13.75
N SER D 107 2.31 23.38 13.36
CA SER D 107 2.23 24.81 13.08
C SER D 107 2.64 25.68 14.26
N LYS D 108 2.14 25.38 15.46
CA LYS D 108 2.47 26.21 16.61
C LYS D 108 3.91 26.03 17.08
N ALA D 109 4.45 24.82 16.95
CA ALA D 109 5.82 24.55 17.39
C ALA D 109 6.91 25.18 16.53
N PRO D 110 8.08 25.45 17.12
CA PRO D 110 9.22 26.05 16.43
C PRO D 110 9.71 25.12 15.33
N TYR D 111 11.02 25.14 15.09
CA TYR D 111 11.63 24.28 14.10
C TYR D 111 13.14 24.51 14.06
N ASN D 112 13.87 23.65 14.75
CA ASN D 112 15.32 23.75 14.80
C ASN D 112 15.85 22.96 13.60
N LYS D 113 16.48 23.66 12.66
CA LYS D 113 17.03 23.04 11.45
C LYS D 113 17.94 21.85 11.75
N GLU D 114 18.84 22.05 12.72
CA GLU D 114 19.82 21.04 13.09
C GLU D 114 19.24 19.73 13.63
N HIS D 115 17.93 19.67 13.82
CA HIS D 115 17.30 18.44 14.33
C HIS D 115 16.78 17.55 13.19
N LYS D 116 16.81 18.07 11.98
CA LYS D 116 16.36 17.35 10.79
C LYS D 116 17.34 16.20 10.51
N ASN D 117 16.82 15.07 10.02
CA ASN D 117 17.65 13.90 9.71
C ASN D 117 18.47 13.43 10.91
N LEU D 118 18.05 13.84 12.10
CA LEU D 118 18.71 13.49 13.34
C LEU D 118 19.21 12.03 13.35
N ASP D 119 20.36 11.80 13.98
CA ASP D 119 20.93 10.46 14.09
C ASP D 119 20.23 9.76 15.25
N THR D 120 19.15 9.06 14.92
CA THR D 120 18.36 8.34 15.92
C THR D 120 19.16 7.33 16.73
N LYS D 121 20.05 6.60 16.06
CA LYS D 121 20.85 5.60 16.74
C LYS D 121 21.71 6.19 17.85
N LYS D 122 22.17 7.42 17.64
CA LYS D 122 23.04 8.04 18.63
C LYS D 122 22.34 9.01 19.59
N TYR D 123 21.27 9.66 19.15
CA TYR D 123 20.59 10.63 20.00
C TYR D 123 19.23 10.27 20.61
N CYS D 124 18.81 9.02 20.49
CA CYS D 124 17.53 8.62 21.05
C CYS D 124 17.64 7.30 21.82
CA CA E . -14.91 -13.99 -2.61
CL CL F . -14.10 -12.33 -5.38
S OSF G . -2.05 -6.15 -6.28
O1 OSF G . -2.72 -6.08 -4.72
O2 OSF G . -1.26 -4.70 -6.63
O3 OSF G . -3.28 -6.42 -7.41
O4 OSF G . -0.94 -7.43 -6.34
C1 OSF G . -3.35 -7.31 -4.49
C2 OSF G . -4.04 -7.41 -3.13
C3 OSF G . -5.14 -6.34 -2.97
C4 OSF G . -5.84 -6.52 -1.61
C5 OSF G . -6.48 -7.92 -1.53
C6 OSF G . -7.20 -8.18 -0.19
C7 OSF G . -8.34 -7.19 0.03
C8 OSF G . -9.00 -7.49 1.37
CA CA H . 14.04 12.76 -7.27
S OSF I . 2.46 0.98 -3.95
O1 OSF I . 2.53 0.98 -2.28
O2 OSF I . 3.96 0.48 -4.49
O3 OSF I . 2.12 2.52 -4.53
O4 OSF I . 1.26 -0.09 -4.48
C1 OSF I . 1.33 1.39 -1.67
C2 OSF I . 1.59 1.39 -0.17
C3 OSF I . 2.76 2.37 0.07
C4 OSF I . 3.21 2.53 1.52
C5 OSF I . 2.10 3.07 2.41
C6 OSF I . 2.60 3.21 3.84
C7 OSF I . 3.78 4.17 3.91
C8 OSF I . 4.23 4.27 5.37
S OSF J . 11.41 10.66 -9.06
O1 OSF J . 10.37 9.79 -8.09
O2 OSF J . 11.27 12.30 -8.72
O3 OSF J . 11.04 10.40 -10.67
O4 OSF J . 12.99 10.17 -8.77
C1 OSF J . 10.45 8.39 -8.34
C2 OSF J . 9.44 7.77 -7.41
C3 OSF J . 8.09 8.39 -7.78
C4 OSF J . 6.95 7.94 -6.90
C5 OSF J . 6.64 6.47 -6.93
C6 OSF J . 5.50 6.26 -5.94
C7 OSF J . 4.25 7.07 -6.33
C8 OSF J . 3.15 6.82 -5.29
S OSF K . -2.71 -1.58 -3.86
O1 OSF K . -3.90 -0.35 -3.75
O2 OSF K . -2.18 -2.02 -2.31
O3 OSF K . -1.38 -1.07 -4.76
O4 OSF K . -3.40 -2.95 -4.60
C1 OSF K . -4.36 0.00 -5.06
C2 OSF K . -5.41 1.11 -5.03
C3 OSF K . -4.83 2.38 -4.39
C4 OSF K . -5.83 3.56 -4.36
C5 OSF K . -6.28 3.96 -5.79
C6 OSF K . -7.25 5.16 -5.79
C7 OSF K . -6.57 6.41 -5.19
C8 OSF K . -7.53 7.59 -5.19
CA CA L . -0.93 -7.10 15.30
S OSF M . 8.97 8.34 2.27
O1 OSF M . 7.63 8.89 1.43
O2 OSF M . 10.37 8.70 1.41
O3 OSF M . 8.86 6.68 2.52
O4 OSF M . 9.05 9.10 3.77
C1 OSF M . 6.47 8.60 2.16
C2 OSF M . 5.23 9.09 1.42
C3 OSF M . 5.14 8.37 0.07
C4 OSF M . 3.89 8.81 -0.72
C5 OSF M . 2.60 8.50 0.05
C6 OSF M . 1.34 8.89 -0.75
C7 OSF M . 1.25 8.10 -2.07
C8 OSF M . 0.00 8.51 -2.85
S OSF N . -4.57 -16.16 1.38
O1 OSF N . -4.55 -14.79 0.40
O2 OSF N . -3.35 -16.03 2.52
O3 OSF N . -4.30 -17.51 0.40
O4 OSF N . -6.04 -16.31 2.17
C1 OSF N . -5.55 -14.79 -0.61
C2 OSF N . -5.34 -13.52 -1.44
C3 OSF N . -3.91 -13.70 -1.97
C4 OSF N . -3.33 -12.60 -2.86
C5 OSF N . -4.12 -12.39 -4.13
C6 OSF N . -3.43 -11.33 -5.00
C7 OSF N . -2.02 -11.84 -5.39
C8 OSF N . -1.31 -10.82 -6.25
S OSF O . 0.02 -8.91 11.90
O1 OSF O . -0.70 -9.70 10.63
O2 OSF O . -0.30 -7.27 11.79
O3 OSF O . 1.67 -9.16 11.84
O4 OSF O . -0.59 -9.51 13.35
C1 OSF O . -0.48 -11.08 10.65
C2 OSF O . -1.15 -11.62 9.41
C3 OSF O . -0.47 -10.85 8.29
C4 OSF O . -0.94 -11.18 6.90
C5 OSF O . -0.71 -12.62 6.48
C6 OSF O . -1.22 -12.74 5.06
C7 OSF O . -0.45 -11.76 4.15
C8 OSF O . -0.97 -11.83 2.74
S OSF P . -7.57 -5.32 15.50
O1 OSF P . -9.27 -5.25 15.57
O2 OSF P . -7.00 -3.76 15.18
O3 OSF P . -7.09 -6.37 14.28
O4 OSF P . -6.93 -5.84 16.97
C1 OSF P . -9.80 -6.52 15.85
C2 OSF P . -11.33 -6.45 15.92
C3 OSF P . -11.92 -5.97 14.58
C4 OSF P . -13.46 -5.87 14.65
C5 OSF P . -14.13 -7.23 14.94
C6 OSF P . -15.66 -7.07 15.01
C7 OSF P . -16.21 -6.55 13.67
C8 OSF P . -17.74 -6.41 13.76
CA CA Q . 7.09 8.34 14.25
NA NA R . -1.10 -2.09 3.65
CL CL S . 2.01 0.65 10.41
S OSF T . 6.69 18.13 0.18
O1 OSF T . 7.32 16.94 -0.82
O2 OSF T . 7.67 18.21 1.55
O3 OSF T . 5.12 17.75 0.62
O4 OSF T . 6.70 19.61 -0.62
C1 OSF T . 6.58 16.78 -2.01
C2 OSF T . 7.23 15.66 -2.81
C3 OSF T . 7.18 14.41 -1.95
C4 OSF T . 7.82 13.18 -2.58
C5 OSF T . 7.15 12.75 -3.87
C6 OSF T . 7.85 11.48 -4.37
C7 OSF T . 7.71 10.38 -3.33
C8 OSF T . 8.40 9.12 -3.81
S OSF U . 5.28 10.26 11.56
O1 OSF U . 5.75 11.23 10.28
O2 OSF U . 6.11 8.79 11.49
O3 OSF U . 3.63 9.98 11.45
O4 OSF U . 5.63 11.01 13.05
C1 OSF U . 5.05 12.45 10.36
C2 OSF U . 5.40 13.31 9.17
C3 OSF U . 4.96 12.43 8.01
C4 OSF U . 5.12 13.00 6.64
C5 OSF U . 4.28 14.26 6.43
C6 OSF U . 4.46 14.67 4.98
C7 OSF U . 3.94 13.50 4.11
C8 OSF U . 4.11 13.81 2.64
S OSF V . -6.63 -6.70 4.64
O1 OSF V . -5.65 -6.67 3.29
O2 OSF V . -7.33 -5.19 4.83
O3 OSF V . -5.76 -7.10 6.03
O4 OSF V . -7.84 -7.88 4.40
C1 OSF V . -5.12 -7.93 3.20
C2 OSF V . -4.27 -8.09 1.98
C3 OSF V . -3.02 -7.22 1.80
C4 OSF V . -2.47 -7.72 0.44
C5 OSF V . -2.17 -9.23 0.55
C6 OSF V . -1.70 -9.86 -0.75
C7 OSF V . -0.43 -9.27 -1.30
C8 OSF V . -0.15 -10.05 -2.58
S OSF W . 13.59 6.55 12.39
O1 OSF W . 15.11 7.12 11.96
O2 OSF W . 13.75 5.30 13.50
O3 OSF W . 12.80 5.99 11.01
O4 OSF W . 12.71 7.83 13.09
C1 OSF W . 14.98 8.17 11.03
C2 OSF W . 16.35 8.70 10.65
C3 OSF W . 17.20 7.58 10.02
C4 OSF W . 18.60 8.10 9.64
C5 OSF W . 18.52 9.25 8.61
C6 OSF W . 19.91 9.76 8.21
C7 OSF W . 20.73 8.64 7.56
C8 OSF W . 22.12 9.16 7.17
#